data_2EF1
#
_entry.id   2EF1
#
_cell.length_a   57.593
_cell.length_b   51.164
_cell.length_c   101.135
_cell.angle_alpha   90.00
_cell.angle_beta   97.53
_cell.angle_gamma   90.00
#
_symmetry.space_group_name_H-M   'P 1 21 1'
#
loop_
_entity.id
_entity.type
_entity.pdbx_description
1 polymer 'ADP-ribosyl cyclase 1'
2 non-polymer '4-(2-HYDROXYETHYL)-1-PIPERAZINE ETHANESULFONIC ACID'
3 water water
#
_entity_poly.entity_id   1
_entity_poly.type   'polypeptide(L)'
_entity_poly.pdbx_seq_one_letter_code
;RWRQTWSGPGTTKRFPETVLARCVKYTEIHPEMRHVDCQSVWDAFKGAFISKHPCNITEEDYQPLMKLGTQTVPCNKILL
WSRIKDLAHQFTQVQRDMFTLEDTLLGYLADDLTWCGEFNTSKINYQSCPDWRKDCSNNPVSVFWKTVSRRFAEAACDVV
HVMLNGSRSKIFDKNSTFGSVEVHNLQPEKVQTLEAWVIHGGREDSRDLCQDPTIKELESIISKRNIQFSCKNIYRPDKF
LQCVKNPEDSSCTSEI
;
_entity_poly.pdbx_strand_id   A,B
#
loop_
_chem_comp.id
_chem_comp.type
_chem_comp.name
_chem_comp.formula
EPE non-polymer '4-(2-HYDROXYETHYL)-1-PIPERAZINE ETHANESULFONIC ACID' 'C8 H18 N2 O4 S'
#
# COMPACT_ATOMS: atom_id res chain seq x y z
N ARG A 1 -45.35 -10.08 1.59
CA ARG A 1 -46.29 -10.99 0.88
C ARG A 1 -46.46 -10.56 -0.57
N TRP A 2 -45.53 -9.74 -1.05
CA TRP A 2 -45.58 -9.25 -2.42
C TRP A 2 -44.30 -9.61 -3.17
N ARG A 3 -43.61 -10.64 -2.69
CA ARG A 3 -42.38 -11.08 -3.31
C ARG A 3 -42.60 -11.63 -4.72
N GLN A 4 -41.92 -11.02 -5.70
CA GLN A 4 -42.01 -11.47 -7.09
C GLN A 4 -40.99 -12.60 -7.21
N THR A 5 -41.22 -13.54 -8.12
CA THR A 5 -40.24 -14.59 -8.31
C THR A 5 -39.34 -14.05 -9.42
N TRP A 6 -38.03 -14.10 -9.21
CA TRP A 6 -37.10 -13.63 -10.22
C TRP A 6 -36.57 -14.82 -11.02
N SER A 7 -35.81 -14.54 -12.07
CA SER A 7 -35.27 -15.58 -12.95
C SER A 7 -33.93 -16.15 -12.55
N GLY A 8 -33.18 -15.44 -11.71
CA GLY A 8 -31.88 -15.93 -11.30
C GLY A 8 -31.88 -16.71 -10.00
N PRO A 9 -30.77 -17.38 -9.67
CA PRO A 9 -30.70 -18.15 -8.43
C PRO A 9 -30.84 -17.23 -7.22
N GLY A 10 -31.42 -17.75 -6.14
CA GLY A 10 -31.60 -16.96 -4.95
C GLY A 10 -30.27 -16.77 -4.24
N THR A 11 -30.30 -16.06 -3.12
CA THR A 11 -29.10 -15.79 -2.35
C THR A 11 -28.41 -17.06 -1.89
N THR A 12 -27.08 -17.05 -1.91
CA THR A 12 -26.32 -18.21 -1.49
C THR A 12 -26.68 -18.54 -0.05
N LYS A 13 -27.02 -19.80 0.19
CA LYS A 13 -27.37 -20.24 1.52
C LYS A 13 -26.24 -19.82 2.46
N ARG A 14 -26.60 -19.41 3.67
CA ARG A 14 -25.61 -18.99 4.66
C ARG A 14 -24.76 -17.79 4.22
N PHE A 15 -25.33 -16.96 3.35
CA PHE A 15 -24.62 -15.79 2.87
C PHE A 15 -24.08 -14.94 4.03
N PRO A 16 -24.93 -14.58 5.00
CA PRO A 16 -24.45 -13.77 6.12
C PRO A 16 -23.27 -14.41 6.85
N GLU A 17 -23.44 -15.66 7.27
CA GLU A 17 -22.39 -16.38 7.97
C GLU A 17 -21.12 -16.48 7.13
N THR A 18 -21.27 -16.62 5.82
CA THR A 18 -20.12 -16.74 4.92
C THR A 18 -19.35 -15.42 4.78
N VAL A 19 -20.07 -14.30 4.64
CA VAL A 19 -19.40 -13.01 4.53
C VAL A 19 -18.61 -12.71 5.80
N LEU A 20 -19.21 -12.96 6.96
CA LEU A 20 -18.54 -12.69 8.22
C LEU A 20 -17.26 -13.51 8.36
N ALA A 21 -17.38 -14.81 8.11
CA ALA A 21 -16.23 -15.70 8.21
C ALA A 21 -15.12 -15.27 7.27
N ARG A 22 -15.50 -14.92 6.05
CA ARG A 22 -14.54 -14.48 5.05
C ARG A 22 -13.85 -13.19 5.47
N CYS A 23 -14.59 -12.29 6.10
CA CYS A 23 -14.03 -11.02 6.57
C CYS A 23 -13.04 -11.33 7.69
N VAL A 24 -13.45 -12.21 8.60
CA VAL A 24 -12.59 -12.60 9.72
C VAL A 24 -11.31 -13.26 9.19
N LYS A 25 -11.46 -14.23 8.29
CA LYS A 25 -10.31 -14.93 7.73
C LYS A 25 -9.38 -13.96 7.01
N TYR A 26 -9.96 -13.05 6.25
CA TYR A 26 -9.19 -12.07 5.50
C TYR A 26 -8.32 -11.20 6.41
N THR A 27 -8.95 -10.59 7.41
CA THR A 27 -8.22 -9.73 8.33
C THR A 27 -7.20 -10.54 9.10
N GLU A 28 -7.41 -11.85 9.16
CA GLU A 28 -6.48 -12.73 9.87
C GLU A 28 -5.23 -12.95 9.01
N ILE A 29 -5.43 -13.07 7.70
CA ILE A 29 -4.33 -13.27 6.77
C ILE A 29 -3.65 -11.96 6.37
N HIS A 30 -4.34 -10.84 6.58
CA HIS A 30 -3.77 -9.54 6.25
C HIS A 30 -3.73 -8.66 7.48
N PRO A 31 -2.65 -8.76 8.28
CA PRO A 31 -2.55 -7.94 9.48
C PRO A 31 -2.75 -6.45 9.21
N GLU A 32 -2.32 -5.99 8.04
CA GLU A 32 -2.47 -4.59 7.67
C GLU A 32 -3.93 -4.16 7.65
N MET A 33 -4.83 -5.13 7.70
CA MET A 33 -6.26 -4.82 7.67
C MET A 33 -6.98 -5.13 8.98
N ARG A 34 -6.21 -5.39 10.04
CA ARG A 34 -6.77 -5.70 11.36
C ARG A 34 -7.68 -4.61 11.92
N HIS A 35 -7.49 -3.37 11.48
CA HIS A 35 -8.30 -2.25 11.97
C HIS A 35 -9.79 -2.39 11.59
N VAL A 36 -10.08 -3.27 10.63
CA VAL A 36 -11.43 -3.49 10.14
C VAL A 36 -12.35 -4.22 11.15
N ASP A 37 -13.56 -3.71 11.34
CA ASP A 37 -14.51 -4.36 12.25
C ASP A 37 -15.52 -5.07 11.36
N CYS A 38 -15.37 -6.39 11.28
CA CYS A 38 -16.23 -7.21 10.43
C CYS A 38 -17.73 -7.13 10.65
N GLN A 39 -18.16 -6.78 11.86
CA GLN A 39 -19.58 -6.67 12.11
C GLN A 39 -20.07 -5.42 11.37
N SER A 40 -19.30 -4.34 11.48
CA SER A 40 -19.64 -3.09 10.82
C SER A 40 -19.70 -3.36 9.32
N VAL A 41 -18.69 -4.07 8.83
CA VAL A 41 -18.59 -4.44 7.42
C VAL A 41 -19.88 -5.11 6.98
N TRP A 42 -20.24 -6.20 7.65
CA TRP A 42 -21.46 -6.92 7.30
C TRP A 42 -22.68 -6.01 7.35
N ASP A 43 -22.72 -5.14 8.35
CA ASP A 43 -23.85 -4.23 8.49
C ASP A 43 -23.96 -3.32 7.28
N ALA A 44 -22.84 -2.72 6.88
CA ALA A 44 -22.83 -1.83 5.73
C ALA A 44 -23.15 -2.60 4.43
N PHE A 45 -22.68 -3.85 4.36
CA PHE A 45 -22.94 -4.68 3.19
C PHE A 45 -24.44 -4.93 3.09
N LYS A 46 -25.01 -5.39 4.19
CA LYS A 46 -26.43 -5.70 4.30
C LYS A 46 -27.29 -4.46 4.02
N GLY A 47 -26.85 -3.31 4.53
CA GLY A 47 -27.61 -2.09 4.32
C GLY A 47 -27.75 -1.63 2.89
N ALA A 48 -26.86 -2.11 2.02
CA ALA A 48 -26.93 -1.70 0.63
C ALA A 48 -28.10 -2.28 -0.13
N PHE A 49 -28.58 -3.47 0.26
CA PHE A 49 -29.67 -4.11 -0.47
C PHE A 49 -30.90 -4.58 0.32
N ILE A 50 -30.76 -4.70 1.64
CA ILE A 50 -31.89 -5.16 2.46
C ILE A 50 -33.03 -4.14 2.49
N SER A 51 -34.25 -4.65 2.47
CA SER A 51 -35.43 -3.80 2.52
C SER A 51 -35.55 -2.90 1.28
N LYS A 52 -34.80 -3.23 0.24
CA LYS A 52 -34.84 -2.45 -1.00
C LYS A 52 -35.25 -3.34 -2.18
N HIS A 53 -35.96 -2.76 -3.13
CA HIS A 53 -36.38 -3.52 -4.30
C HIS A 53 -35.07 -3.85 -5.03
N PRO A 54 -34.81 -5.15 -5.25
CA PRO A 54 -33.60 -5.66 -5.92
C PRO A 54 -33.39 -5.28 -7.38
N CYS A 55 -34.13 -4.29 -7.87
CA CYS A 55 -33.96 -3.84 -9.25
C CYS A 55 -33.67 -2.36 -9.26
N ASN A 56 -33.49 -1.78 -8.09
CA ASN A 56 -33.22 -0.36 -7.98
C ASN A 56 -32.04 -0.05 -7.09
N ILE A 57 -31.03 -0.90 -7.13
CA ILE A 57 -29.83 -0.68 -6.33
C ILE A 57 -28.94 0.29 -7.10
N THR A 58 -28.26 1.18 -6.38
CA THR A 58 -27.37 2.15 -7.02
C THR A 58 -26.00 2.09 -6.36
N GLU A 59 -25.01 2.71 -6.98
CA GLU A 59 -23.66 2.72 -6.41
C GLU A 59 -23.66 3.26 -4.98
N GLU A 60 -24.41 4.33 -4.77
CA GLU A 60 -24.48 4.95 -3.45
C GLU A 60 -24.93 3.99 -2.36
N ASP A 61 -25.80 3.05 -2.69
CA ASP A 61 -26.23 2.09 -1.68
C ASP A 61 -25.01 1.35 -1.12
N TYR A 62 -23.99 1.16 -1.95
CA TYR A 62 -22.78 0.46 -1.50
C TYR A 62 -21.68 1.35 -0.94
N GLN A 63 -21.85 2.67 -1.02
CA GLN A 63 -20.85 3.59 -0.52
C GLN A 63 -20.41 3.33 0.94
N PRO A 64 -21.37 3.06 1.83
CA PRO A 64 -20.93 2.80 3.20
C PRO A 64 -19.98 1.61 3.27
N LEU A 65 -20.29 0.57 2.48
CA LEU A 65 -19.43 -0.62 2.46
C LEU A 65 -18.09 -0.25 1.84
N MET A 66 -18.13 0.56 0.79
CA MET A 66 -16.94 1.00 0.09
C MET A 66 -15.97 1.71 1.04
N LYS A 67 -16.52 2.56 1.90
CA LYS A 67 -15.71 3.31 2.84
C LYS A 67 -15.08 2.37 3.86
N LEU A 68 -15.90 1.58 4.56
CA LEU A 68 -15.39 0.66 5.55
C LEU A 68 -14.36 -0.30 4.93
N GLY A 69 -14.44 -0.48 3.62
CA GLY A 69 -13.52 -1.37 2.93
C GLY A 69 -12.34 -0.72 2.22
N THR A 70 -12.09 0.55 2.51
CA THR A 70 -10.96 1.26 1.89
C THR A 70 -9.73 0.41 2.06
N GLN A 71 -8.93 0.27 1.00
CA GLN A 71 -7.72 -0.52 1.09
C GLN A 71 -6.68 -0.01 0.10
N THR A 72 -5.44 0.08 0.57
CA THR A 72 -4.36 0.56 -0.27
C THR A 72 -3.68 -0.56 -1.02
N VAL A 73 -3.91 -0.62 -2.33
CA VAL A 73 -3.28 -1.64 -3.14
C VAL A 73 -2.20 -0.95 -3.94
N PRO A 74 -0.94 -1.44 -3.84
CA PRO A 74 0.13 -0.79 -4.61
C PRO A 74 -0.39 -0.67 -6.04
N CYS A 75 -0.69 0.55 -6.46
CA CYS A 75 -1.26 0.78 -7.77
C CYS A 75 -0.54 0.25 -9.01
N ASN A 76 0.76 0.04 -8.93
CA ASN A 76 1.47 -0.47 -10.10
C ASN A 76 1.55 -1.98 -10.17
N LYS A 77 0.83 -2.66 -9.27
CA LYS A 77 0.84 -4.12 -9.22
C LYS A 77 -0.57 -4.74 -9.40
N ILE A 78 -1.37 -4.13 -10.25
CA ILE A 78 -2.72 -4.64 -10.45
C ILE A 78 -2.85 -5.59 -11.63
N LEU A 79 -3.59 -6.67 -11.41
CA LEU A 79 -3.83 -7.65 -12.46
C LEU A 79 -5.32 -7.74 -12.71
N LEU A 80 -5.73 -7.27 -13.88
CA LEU A 80 -7.13 -7.36 -14.26
C LEU A 80 -7.21 -8.67 -15.05
N TRP A 81 -8.40 -9.26 -15.12
CA TRP A 81 -8.53 -10.52 -15.85
C TRP A 81 -9.91 -10.65 -16.40
N SER A 82 -10.05 -11.39 -17.48
CA SER A 82 -11.35 -11.56 -18.08
C SER A 82 -11.57 -13.02 -18.45
N ARG A 83 -12.54 -13.64 -17.81
CA ARG A 83 -12.90 -15.03 -18.06
C ARG A 83 -11.74 -16.01 -18.05
N ILE A 84 -10.88 -15.85 -17.05
CA ILE A 84 -9.71 -16.72 -16.88
C ILE A 84 -9.42 -16.65 -15.38
N LYS A 85 -10.48 -16.73 -14.61
CA LYS A 85 -10.44 -16.65 -13.15
C LYS A 85 -9.36 -17.48 -12.45
N ASP A 86 -9.44 -18.79 -12.61
CA ASP A 86 -8.49 -19.68 -11.94
C ASP A 86 -7.01 -19.36 -12.15
N LEU A 87 -6.57 -19.18 -13.39
CA LEU A 87 -5.17 -18.88 -13.61
C LEU A 87 -4.78 -17.49 -13.09
N ALA A 88 -5.68 -16.53 -13.22
CA ALA A 88 -5.41 -15.17 -12.74
C ALA A 88 -5.11 -15.22 -11.25
N HIS A 89 -5.86 -16.03 -10.53
CA HIS A 89 -5.70 -16.15 -9.09
C HIS A 89 -4.58 -17.09 -8.63
N GLN A 90 -4.24 -18.09 -9.44
CA GLN A 90 -3.15 -18.97 -9.06
C GLN A 90 -1.89 -18.11 -9.16
N PHE A 91 -1.93 -17.14 -10.08
CA PHE A 91 -0.82 -16.24 -10.30
C PHE A 91 -0.53 -15.32 -9.10
N THR A 92 -1.56 -14.64 -8.60
CA THR A 92 -1.34 -13.77 -7.45
C THR A 92 -1.11 -14.58 -6.18
N GLN A 93 -1.45 -15.87 -6.21
CA GLN A 93 -1.23 -16.73 -5.05
C GLN A 93 0.26 -17.05 -4.95
N VAL A 94 0.96 -16.92 -6.08
CA VAL A 94 2.40 -17.18 -6.12
C VAL A 94 3.14 -15.86 -6.06
N GLN A 95 2.86 -14.98 -7.03
CA GLN A 95 3.47 -13.65 -7.09
C GLN A 95 2.63 -12.77 -6.16
N ARG A 96 2.81 -12.95 -4.85
CA ARG A 96 2.05 -12.22 -3.84
C ARG A 96 2.15 -10.71 -3.81
N ASP A 97 2.99 -10.13 -4.66
CA ASP A 97 3.11 -8.67 -4.69
C ASP A 97 2.29 -8.11 -5.83
N MET A 98 1.44 -8.97 -6.39
CA MET A 98 0.52 -8.62 -7.48
C MET A 98 -0.89 -8.81 -6.92
N PHE A 99 -1.86 -8.04 -7.40
CA PHE A 99 -3.21 -8.15 -6.86
C PHE A 99 -4.35 -8.06 -7.88
N THR A 100 -5.36 -8.91 -7.70
CA THR A 100 -6.54 -8.90 -8.55
C THR A 100 -7.63 -8.36 -7.63
N LEU A 101 -8.78 -8.01 -8.19
CA LEU A 101 -9.88 -7.49 -7.41
C LEU A 101 -10.24 -8.43 -6.25
N GLU A 102 -10.43 -9.71 -6.57
CA GLU A 102 -10.81 -10.69 -5.54
C GLU A 102 -9.76 -10.90 -4.45
N ASP A 103 -8.64 -10.21 -4.56
CA ASP A 103 -7.57 -10.30 -3.56
C ASP A 103 -7.72 -9.17 -2.53
N THR A 104 -8.61 -8.22 -2.83
CA THR A 104 -8.87 -7.13 -1.90
C THR A 104 -9.96 -7.62 -0.96
N LEU A 105 -10.09 -7.00 0.21
CA LEU A 105 -11.09 -7.41 1.19
C LEU A 105 -12.47 -7.54 0.56
N LEU A 106 -12.98 -6.44 0.01
CA LEU A 106 -14.29 -6.44 -0.60
C LEU A 106 -14.46 -7.50 -1.67
N GLY A 107 -13.49 -7.62 -2.56
CA GLY A 107 -13.60 -8.63 -3.61
C GLY A 107 -13.59 -10.03 -3.04
N TYR A 108 -12.89 -10.22 -1.93
CA TYR A 108 -12.79 -11.50 -1.27
C TYR A 108 -14.12 -11.87 -0.61
N LEU A 109 -14.80 -10.87 -0.07
CA LEU A 109 -16.07 -11.07 0.60
C LEU A 109 -17.20 -11.52 -0.31
N ALA A 110 -17.27 -10.94 -1.51
CA ALA A 110 -18.35 -11.26 -2.43
C ALA A 110 -18.09 -12.34 -3.48
N ASP A 111 -16.84 -12.71 -3.66
CA ASP A 111 -16.45 -13.71 -4.67
C ASP A 111 -17.32 -14.96 -4.74
N ASP A 112 -17.93 -15.15 -5.90
CA ASP A 112 -18.78 -16.30 -6.19
C ASP A 112 -20.02 -16.42 -5.33
N LEU A 113 -20.52 -15.30 -4.81
CA LEU A 113 -21.73 -15.32 -4.01
C LEU A 113 -22.84 -14.57 -4.72
N THR A 114 -24.07 -14.89 -4.36
CA THR A 114 -25.23 -14.24 -4.94
C THR A 114 -26.04 -13.72 -3.77
N TRP A 115 -26.72 -12.61 -3.94
CA TRP A 115 -27.52 -12.06 -2.86
C TRP A 115 -28.50 -10.99 -3.32
N CYS A 116 -29.58 -10.85 -2.56
CA CYS A 116 -30.57 -9.85 -2.86
C CYS A 116 -31.58 -9.79 -1.73
N GLY A 117 -32.30 -8.68 -1.65
CA GLY A 117 -33.29 -8.53 -0.61
C GLY A 117 -34.68 -8.37 -1.17
N GLU A 118 -35.53 -7.75 -0.36
CA GLU A 118 -36.92 -7.54 -0.74
C GLU A 118 -37.38 -6.17 -0.26
N PHE A 119 -38.22 -5.50 -1.04
CA PHE A 119 -38.70 -4.18 -0.64
C PHE A 119 -39.47 -4.17 0.68
N ASN A 120 -39.11 -3.22 1.52
CA ASN A 120 -39.76 -3.04 2.83
C ASN A 120 -39.82 -4.30 3.68
N THR A 121 -38.74 -5.07 3.65
CA THR A 121 -38.64 -6.29 4.44
C THR A 121 -37.19 -6.41 4.87
N SER A 122 -36.96 -7.06 6.00
CA SER A 122 -35.60 -7.24 6.50
C SER A 122 -35.10 -8.63 6.14
N LYS A 123 -35.88 -9.33 5.33
CA LYS A 123 -35.53 -10.68 4.95
C LYS A 123 -34.64 -10.79 3.71
N ILE A 124 -33.69 -11.72 3.78
CA ILE A 124 -32.82 -11.98 2.65
C ILE A 124 -33.61 -12.97 1.82
N ASN A 125 -33.71 -12.68 0.52
CA ASN A 125 -34.46 -13.52 -0.41
C ASN A 125 -33.63 -14.70 -0.86
N TYR A 126 -33.87 -15.88 -0.29
CA TYR A 126 -33.14 -17.08 -0.67
C TYR A 126 -33.87 -17.84 -1.78
N GLN A 127 -35.10 -17.44 -2.07
CA GLN A 127 -35.88 -18.09 -3.10
C GLN A 127 -35.34 -17.81 -4.49
N SER A 128 -35.18 -16.53 -4.82
CA SER A 128 -34.67 -16.14 -6.13
C SER A 128 -34.20 -14.69 -6.13
N CYS A 129 -33.32 -14.37 -7.07
CA CYS A 129 -32.78 -13.02 -7.23
C CYS A 129 -32.82 -12.64 -8.69
N PRO A 130 -32.86 -11.34 -8.99
CA PRO A 130 -32.90 -10.85 -10.37
C PRO A 130 -31.73 -11.29 -11.24
N ASP A 131 -32.03 -11.78 -12.43
CA ASP A 131 -30.99 -12.15 -13.37
C ASP A 131 -30.79 -10.85 -14.14
N TRP A 132 -29.53 -10.46 -14.35
CA TRP A 132 -29.26 -9.20 -15.05
C TRP A 132 -29.88 -9.10 -16.44
N ARG A 133 -29.86 -10.21 -17.19
CA ARG A 133 -30.41 -10.22 -18.55
C ARG A 133 -31.93 -10.23 -18.58
N LYS A 134 -32.52 -11.27 -17.99
CA LYS A 134 -33.98 -11.45 -18.01
C LYS A 134 -34.80 -10.56 -17.08
N ASP A 135 -34.22 -10.11 -15.97
CA ASP A 135 -34.98 -9.28 -15.05
C ASP A 135 -34.60 -7.80 -15.05
N CYS A 136 -33.43 -7.47 -14.52
CA CYS A 136 -32.98 -6.08 -14.47
C CYS A 136 -31.49 -6.01 -14.17
N SER A 137 -30.82 -5.03 -14.77
CA SER A 137 -29.38 -4.89 -14.59
C SER A 137 -28.95 -4.28 -13.27
N ASN A 138 -29.82 -3.49 -12.66
CA ASN A 138 -29.47 -2.84 -11.40
C ASN A 138 -29.83 -3.61 -10.15
N ASN A 139 -29.39 -4.86 -10.11
CA ASN A 139 -29.65 -5.73 -8.97
C ASN A 139 -28.47 -5.64 -8.01
N PRO A 140 -28.64 -6.11 -6.77
CA PRO A 140 -27.57 -6.05 -5.76
C PRO A 140 -26.21 -6.56 -6.22
N VAL A 141 -26.17 -7.75 -6.81
CA VAL A 141 -24.88 -8.30 -7.24
C VAL A 141 -24.19 -7.52 -8.37
N SER A 142 -24.89 -7.30 -9.48
CA SER A 142 -24.29 -6.56 -10.59
C SER A 142 -23.79 -5.18 -10.19
N VAL A 143 -24.66 -4.42 -9.54
CA VAL A 143 -24.31 -3.06 -9.09
C VAL A 143 -23.07 -3.10 -8.22
N PHE A 144 -22.97 -4.11 -7.36
CA PHE A 144 -21.83 -4.25 -6.48
C PHE A 144 -20.54 -4.41 -7.28
N TRP A 145 -20.54 -5.34 -8.22
CA TRP A 145 -19.35 -5.58 -9.00
C TRP A 145 -18.94 -4.43 -9.90
N LYS A 146 -19.88 -3.82 -10.61
CA LYS A 146 -19.48 -2.71 -11.47
C LYS A 146 -18.96 -1.54 -10.65
N THR A 147 -19.37 -1.48 -9.38
CA THR A 147 -18.92 -0.40 -8.51
C THR A 147 -17.50 -0.65 -8.00
N VAL A 148 -17.27 -1.81 -7.41
CA VAL A 148 -15.96 -2.13 -6.88
C VAL A 148 -14.93 -2.25 -8.00
N SER A 149 -15.37 -2.76 -9.16
CA SER A 149 -14.47 -2.89 -10.29
C SER A 149 -14.01 -1.52 -10.76
N ARG A 150 -14.96 -0.62 -10.94
CA ARG A 150 -14.63 0.72 -11.39
C ARG A 150 -13.67 1.42 -10.45
N ARG A 151 -13.84 1.20 -9.15
CA ARG A 151 -12.97 1.83 -8.17
C ARG A 151 -11.58 1.21 -8.21
N PHE A 152 -11.54 -0.09 -8.45
CA PHE A 152 -10.27 -0.79 -8.53
C PHE A 152 -9.49 -0.30 -9.75
N ALA A 153 -10.17 -0.19 -10.88
CA ALA A 153 -9.53 0.27 -12.11
C ALA A 153 -9.02 1.69 -11.96
N GLU A 154 -9.85 2.58 -11.40
CA GLU A 154 -9.49 3.98 -11.21
C GLU A 154 -8.22 4.15 -10.39
N ALA A 155 -7.98 3.22 -9.48
CA ALA A 155 -6.83 3.30 -8.59
C ALA A 155 -5.53 2.81 -9.22
N ALA A 156 -5.62 2.13 -10.36
CA ALA A 156 -4.42 1.61 -11.01
C ALA A 156 -3.51 2.73 -11.55
N CYS A 157 -2.22 2.43 -11.66
CA CYS A 157 -1.21 3.38 -12.17
C CYS A 157 -0.08 2.65 -12.90
N ASP A 158 0.72 3.41 -13.61
CA ASP A 158 1.88 2.88 -14.32
C ASP A 158 1.50 1.82 -15.35
N VAL A 159 1.91 0.57 -15.11
CA VAL A 159 1.60 -0.54 -16.00
C VAL A 159 0.55 -1.46 -15.37
N VAL A 160 -0.58 -1.60 -16.03
CA VAL A 160 -1.66 -2.43 -15.56
C VAL A 160 -1.68 -3.63 -16.48
N HIS A 161 -1.79 -4.83 -15.91
CA HIS A 161 -1.83 -6.04 -16.73
C HIS A 161 -3.23 -6.64 -16.73
N VAL A 162 -3.60 -7.25 -17.84
CA VAL A 162 -4.89 -7.89 -17.94
C VAL A 162 -4.70 -9.28 -18.51
N MET A 163 -5.18 -10.28 -17.78
CA MET A 163 -5.08 -11.66 -18.23
C MET A 163 -6.32 -11.94 -19.05
N LEU A 164 -6.15 -12.47 -20.25
CA LEU A 164 -7.27 -12.77 -21.13
C LEU A 164 -7.24 -14.23 -21.54
N ASN A 165 -8.41 -14.78 -21.84
CA ASN A 165 -8.49 -16.19 -22.23
C ASN A 165 -8.49 -16.40 -23.75
N GLY A 166 -7.38 -16.95 -24.25
CA GLY A 166 -7.22 -17.19 -25.67
C GLY A 166 -8.14 -18.25 -26.27
N SER A 167 -8.63 -19.16 -25.43
CA SER A 167 -9.52 -20.23 -25.89
C SER A 167 -10.93 -19.77 -26.24
N ARG A 168 -11.25 -18.52 -25.91
CA ARG A 168 -12.60 -17.99 -26.13
C ARG A 168 -12.91 -17.46 -27.53
N SER A 169 -14.17 -17.59 -27.92
CA SER A 169 -14.62 -17.12 -29.23
C SER A 169 -14.21 -15.66 -29.38
N LYS A 170 -14.29 -14.92 -28.27
CA LYS A 170 -13.89 -13.52 -28.27
C LYS A 170 -12.90 -13.33 -27.12
N ILE A 171 -11.60 -13.44 -27.43
CA ILE A 171 -10.57 -13.28 -26.41
C ILE A 171 -10.84 -12.00 -25.63
N PHE A 172 -11.22 -10.95 -26.36
CA PHE A 172 -11.57 -9.69 -25.72
C PHE A 172 -13.04 -9.47 -26.03
N ASP A 173 -13.87 -9.53 -24.99
CA ASP A 173 -15.30 -9.35 -25.17
C ASP A 173 -15.79 -8.02 -24.66
N LYS A 174 -16.28 -7.17 -25.56
CA LYS A 174 -16.80 -5.87 -25.16
C LYS A 174 -17.81 -6.07 -24.04
N ASN A 175 -18.63 -7.09 -24.18
CA ASN A 175 -19.66 -7.37 -23.20
C ASN A 175 -19.10 -8.17 -22.05
N SER A 176 -18.43 -7.48 -21.14
CA SER A 176 -17.84 -8.10 -19.97
C SER A 176 -17.44 -6.96 -19.05
N THR A 177 -17.27 -7.27 -17.77
CA THR A 177 -16.89 -6.25 -16.81
C THR A 177 -15.61 -5.56 -17.29
N PHE A 178 -14.66 -6.33 -17.77
CA PHE A 178 -13.40 -5.75 -18.24
C PHE A 178 -13.64 -4.74 -19.37
N GLY A 179 -14.31 -5.19 -20.43
CA GLY A 179 -14.59 -4.34 -21.57
C GLY A 179 -15.62 -3.23 -21.43
N SER A 180 -16.54 -3.36 -20.48
CA SER A 180 -17.55 -2.33 -20.30
C SER A 180 -17.32 -1.35 -19.16
N VAL A 181 -16.45 -1.70 -18.22
CA VAL A 181 -16.21 -0.76 -17.13
C VAL A 181 -14.76 -0.54 -16.72
N GLU A 182 -13.95 -1.58 -16.64
CA GLU A 182 -12.56 -1.40 -16.22
C GLU A 182 -11.65 -0.70 -17.22
N VAL A 183 -11.74 -1.09 -18.48
CA VAL A 183 -10.88 -0.48 -19.49
C VAL A 183 -11.21 1.01 -19.69
N HIS A 184 -12.46 1.38 -19.48
CA HIS A 184 -12.88 2.77 -19.68
C HIS A 184 -12.66 3.63 -18.43
N ASN A 185 -12.16 3.00 -17.37
CA ASN A 185 -11.95 3.75 -16.15
C ASN A 185 -10.51 3.81 -15.69
N LEU A 186 -9.60 3.27 -16.50
CA LEU A 186 -8.17 3.35 -16.19
C LEU A 186 -7.85 4.81 -16.51
N GLN A 187 -7.18 5.51 -15.59
CA GLN A 187 -6.85 6.91 -15.84
C GLN A 187 -5.56 7.14 -16.63
N PRO A 188 -5.63 7.93 -17.71
CA PRO A 188 -4.47 8.25 -18.56
C PRO A 188 -3.40 9.00 -17.76
N GLU A 189 -3.85 9.74 -16.76
CA GLU A 189 -2.95 10.51 -15.91
C GLU A 189 -2.06 9.59 -15.08
N LYS A 190 -2.61 8.46 -14.65
CA LYS A 190 -1.88 7.53 -13.79
C LYS A 190 -1.29 6.33 -14.52
N VAL A 191 -2.06 5.80 -15.46
CA VAL A 191 -1.66 4.64 -16.21
C VAL A 191 -1.06 4.98 -17.56
N GLN A 192 0.11 4.41 -17.85
CA GLN A 192 0.74 4.69 -19.13
C GLN A 192 0.56 3.49 -20.08
N THR A 193 0.55 2.29 -19.52
CA THR A 193 0.41 1.10 -20.35
C THR A 193 -0.54 0.03 -19.84
N LEU A 194 -1.28 -0.57 -20.77
CA LEU A 194 -2.19 -1.68 -20.48
C LEU A 194 -1.55 -2.85 -21.21
N GLU A 195 -1.04 -3.83 -20.47
CA GLU A 195 -0.41 -4.98 -21.09
C GLU A 195 -1.29 -6.23 -20.93
N ALA A 196 -1.70 -6.79 -22.06
CA ALA A 196 -2.53 -7.98 -22.02
C ALA A 196 -1.68 -9.25 -22.12
N TRP A 197 -2.15 -10.31 -21.46
CA TRP A 197 -1.49 -11.60 -21.47
C TRP A 197 -2.56 -12.56 -21.96
N VAL A 198 -2.46 -13.02 -23.20
CA VAL A 198 -3.45 -13.94 -23.70
C VAL A 198 -2.97 -15.36 -23.40
N ILE A 199 -3.77 -16.08 -22.65
CA ILE A 199 -3.46 -17.44 -22.24
C ILE A 199 -3.96 -18.47 -23.24
N HIS A 200 -3.03 -19.20 -23.86
CA HIS A 200 -3.40 -20.23 -24.84
C HIS A 200 -4.00 -21.46 -24.15
N GLY A 201 -4.84 -22.20 -24.87
CA GLY A 201 -5.45 -23.37 -24.25
C GLY A 201 -6.07 -24.48 -25.07
N GLY A 202 -5.54 -24.78 -26.26
CA GLY A 202 -6.08 -25.87 -27.05
C GLY A 202 -7.15 -25.52 -28.07
N ARG A 203 -7.67 -24.30 -28.00
CA ARG A 203 -8.70 -23.83 -28.91
C ARG A 203 -8.34 -24.19 -30.37
N GLU A 204 -7.08 -24.02 -30.72
CA GLU A 204 -6.60 -24.31 -32.06
C GLU A 204 -5.13 -24.64 -32.06
N ASP A 205 -4.55 -24.54 -33.26
CA ASP A 205 -3.13 -24.77 -33.46
C ASP A 205 -2.48 -23.48 -33.01
N SER A 206 -1.26 -23.57 -32.49
CA SER A 206 -0.55 -22.39 -32.00
C SER A 206 -0.29 -21.32 -33.06
N ARG A 207 -0.68 -20.09 -32.74
CA ARG A 207 -0.48 -18.93 -33.62
C ARG A 207 -0.49 -17.65 -32.75
N ASP A 208 -0.18 -16.51 -33.37
CA ASP A 208 -0.15 -15.25 -32.60
C ASP A 208 -1.54 -14.72 -32.32
N LEU A 209 -1.98 -14.91 -31.09
CA LEU A 209 -3.30 -14.45 -30.67
C LEU A 209 -3.36 -12.95 -30.41
N CYS A 210 -2.20 -12.30 -30.36
CA CYS A 210 -2.15 -10.87 -30.17
C CYS A 210 -2.53 -10.12 -31.45
N GLN A 211 -2.80 -10.86 -32.53
CA GLN A 211 -3.21 -10.26 -33.80
C GLN A 211 -4.70 -10.49 -34.01
N ASP A 212 -5.33 -11.14 -33.03
CA ASP A 212 -6.75 -11.44 -33.08
C ASP A 212 -7.58 -10.16 -33.22
N PRO A 213 -8.64 -10.19 -34.03
CA PRO A 213 -9.53 -9.04 -34.26
C PRO A 213 -10.03 -8.37 -32.98
N THR A 214 -10.35 -9.16 -31.96
CA THR A 214 -10.84 -8.58 -30.71
C THR A 214 -9.72 -7.85 -29.97
N ILE A 215 -8.50 -8.39 -30.08
CA ILE A 215 -7.36 -7.78 -29.42
C ILE A 215 -7.05 -6.44 -30.08
N LYS A 216 -7.13 -6.42 -31.41
CA LYS A 216 -6.88 -5.20 -32.16
C LYS A 216 -7.87 -4.12 -31.74
N GLU A 217 -9.08 -4.58 -31.44
CA GLU A 217 -10.17 -3.73 -31.01
C GLU A 217 -9.87 -3.17 -29.61
N LEU A 218 -9.34 -4.02 -28.74
CA LEU A 218 -8.99 -3.60 -27.39
C LEU A 218 -7.97 -2.48 -27.52
N GLU A 219 -6.94 -2.75 -28.32
CA GLU A 219 -5.89 -1.77 -28.55
C GLU A 219 -6.46 -0.45 -29.07
N SER A 220 -7.49 -0.56 -29.90
CA SER A 220 -8.12 0.64 -30.45
C SER A 220 -8.75 1.44 -29.31
N ILE A 221 -9.57 0.78 -28.52
CA ILE A 221 -10.25 1.40 -27.38
C ILE A 221 -9.28 2.05 -26.42
N ILE A 222 -8.25 1.31 -26.04
CA ILE A 222 -7.23 1.78 -25.10
C ILE A 222 -6.43 2.95 -25.65
N SER A 223 -5.87 2.77 -26.84
CA SER A 223 -5.09 3.81 -27.49
C SER A 223 -5.88 5.12 -27.57
N LYS A 224 -7.15 5.00 -27.89
CA LYS A 224 -8.04 6.15 -28.01
C LYS A 224 -8.09 6.95 -26.71
N ARG A 225 -7.96 6.27 -25.58
CA ARG A 225 -8.00 6.93 -24.27
C ARG A 225 -6.61 7.38 -23.81
N ASN A 226 -5.69 7.47 -24.79
CA ASN A 226 -4.33 7.90 -24.55
C ASN A 226 -3.49 7.04 -23.63
N ILE A 227 -3.61 5.73 -23.79
CA ILE A 227 -2.85 4.78 -23.01
C ILE A 227 -2.21 3.82 -23.99
N GLN A 228 -0.93 3.52 -23.82
CA GLN A 228 -0.26 2.61 -24.72
C GLN A 228 -0.78 1.19 -24.48
N PHE A 229 -0.70 0.36 -25.52
CA PHE A 229 -1.15 -1.02 -25.43
C PHE A 229 0.01 -1.95 -25.73
N SER A 230 0.03 -3.09 -25.04
CA SER A 230 1.07 -4.09 -25.25
C SER A 230 0.39 -5.44 -25.08
N CYS A 231 0.79 -6.41 -25.89
CA CYS A 231 0.19 -7.73 -25.82
C CYS A 231 1.23 -8.82 -25.86
N LYS A 232 1.02 -9.86 -25.05
CA LYS A 232 1.96 -10.95 -25.00
C LYS A 232 1.24 -12.27 -24.99
N ASN A 233 1.75 -13.20 -25.79
CA ASN A 233 1.21 -14.54 -25.88
C ASN A 233 1.80 -15.38 -24.77
N ILE A 234 0.96 -16.06 -24.01
CA ILE A 234 1.46 -16.95 -22.98
C ILE A 234 1.10 -18.32 -23.52
N TYR A 235 2.02 -18.84 -24.32
CA TYR A 235 1.88 -20.12 -25.01
C TYR A 235 1.75 -21.34 -24.12
N ARG A 236 2.58 -21.42 -23.08
CA ARG A 236 2.55 -22.56 -22.18
C ARG A 236 2.22 -22.12 -20.74
N PRO A 237 0.91 -22.09 -20.40
CA PRO A 237 0.45 -21.68 -19.07
C PRO A 237 1.13 -22.44 -17.95
N ASP A 238 1.19 -23.76 -18.06
CA ASP A 238 1.82 -24.58 -17.03
C ASP A 238 3.28 -24.18 -16.84
N LYS A 239 3.96 -23.85 -17.92
CA LYS A 239 5.35 -23.45 -17.84
C LYS A 239 5.42 -22.03 -17.31
N PHE A 240 4.33 -21.30 -17.48
CA PHE A 240 4.25 -19.93 -17.01
C PHE A 240 4.35 -19.88 -15.50
N LEU A 241 3.37 -20.48 -14.83
CA LEU A 241 3.36 -20.49 -13.37
C LEU A 241 4.68 -21.01 -12.80
N GLN A 242 5.11 -22.15 -13.32
CA GLN A 242 6.35 -22.78 -12.90
C GLN A 242 7.54 -21.80 -12.85
N CYS A 243 7.67 -20.97 -13.87
CA CYS A 243 8.78 -20.01 -13.93
C CYS A 243 8.55 -18.80 -13.06
N VAL A 244 7.31 -18.62 -12.61
CA VAL A 244 6.97 -17.52 -11.73
C VAL A 244 7.11 -18.07 -10.32
N LYS A 245 6.88 -19.37 -10.20
CA LYS A 245 6.93 -20.08 -8.93
C LYS A 245 8.33 -20.47 -8.47
N ASN A 246 9.26 -20.62 -9.41
CA ASN A 246 10.63 -21.00 -9.08
C ASN A 246 11.67 -20.30 -9.96
N PRO A 247 11.66 -18.95 -9.99
CA PRO A 247 12.61 -18.20 -10.81
C PRO A 247 14.07 -18.43 -10.40
N ARG B 1 22.77 41.30 8.12
CA ARG B 1 23.88 41.73 9.03
C ARG B 1 23.64 41.29 10.47
N TRP B 2 22.85 40.24 10.65
CA TRP B 2 22.55 39.76 11.99
C TRP B 2 22.71 38.25 12.14
N ARG B 3 23.10 37.59 11.06
CA ARG B 3 23.29 36.15 11.10
C ARG B 3 24.22 35.80 12.26
N GLN B 4 23.79 34.87 13.10
CA GLN B 4 24.57 34.43 14.24
C GLN B 4 25.48 33.27 13.79
N THR B 5 26.51 32.98 14.58
CA THR B 5 27.41 31.89 14.25
C THR B 5 27.07 30.66 15.07
N TRP B 6 26.64 29.60 14.40
CA TRP B 6 26.29 28.35 15.09
C TRP B 6 27.49 27.42 15.21
N SER B 7 27.36 26.40 16.07
CA SER B 7 28.45 25.46 16.31
C SER B 7 28.40 24.20 15.45
N GLY B 8 27.35 24.08 14.65
CA GLY B 8 27.23 22.91 13.80
C GLY B 8 27.55 23.20 12.35
N PRO B 9 27.92 22.18 11.56
CA PRO B 9 28.24 22.43 10.15
C PRO B 9 27.06 23.04 9.41
N GLY B 10 27.38 23.85 8.40
CA GLY B 10 26.36 24.51 7.61
C GLY B 10 25.67 23.59 6.63
N THR B 11 24.58 24.07 6.05
CA THR B 11 23.80 23.29 5.10
C THR B 11 24.71 22.58 4.12
N THR B 12 24.41 21.33 3.84
CA THR B 12 25.20 20.55 2.91
C THR B 12 25.21 21.29 1.57
N LYS B 13 26.39 21.45 0.98
CA LYS B 13 26.49 22.13 -0.29
C LYS B 13 25.64 21.39 -1.33
N ARG B 14 25.00 22.13 -2.23
CA ARG B 14 24.17 21.54 -3.27
C ARG B 14 22.89 20.94 -2.68
N PHE B 15 22.54 21.37 -1.48
CA PHE B 15 21.34 20.87 -0.82
C PHE B 15 20.09 20.95 -1.69
N PRO B 16 19.73 22.15 -2.19
CA PRO B 16 18.54 22.31 -3.03
C PRO B 16 18.55 21.37 -4.24
N GLU B 17 19.66 21.33 -4.95
CA GLU B 17 19.79 20.47 -6.12
C GLU B 17 19.76 19.00 -5.72
N THR B 18 20.35 18.66 -4.57
CA THR B 18 20.37 17.28 -4.11
C THR B 18 18.95 16.79 -3.75
N VAL B 19 18.17 17.65 -3.13
CA VAL B 19 16.82 17.29 -2.75
C VAL B 19 15.94 17.04 -3.97
N LEU B 20 15.95 17.99 -4.91
CA LEU B 20 15.14 17.88 -6.11
C LEU B 20 15.54 16.63 -6.87
N ALA B 21 16.84 16.43 -7.04
CA ALA B 21 17.33 15.25 -7.76
C ALA B 21 16.86 13.99 -7.06
N ARG B 22 16.94 13.98 -5.73
CA ARG B 22 16.54 12.82 -4.96
C ARG B 22 15.05 12.54 -5.10
N CYS B 23 14.27 13.61 -5.16
CA CYS B 23 12.83 13.47 -5.30
C CYS B 23 12.51 12.93 -6.68
N VAL B 24 13.23 13.43 -7.68
CA VAL B 24 13.01 12.99 -9.06
C VAL B 24 13.42 11.53 -9.18
N LYS B 25 14.53 11.16 -8.56
CA LYS B 25 15.03 9.79 -8.62
C LYS B 25 14.12 8.80 -7.90
N TYR B 26 13.61 9.20 -6.74
CA TYR B 26 12.74 8.35 -5.93
C TYR B 26 11.44 7.99 -6.66
N THR B 27 10.80 8.99 -7.24
CA THR B 27 9.54 8.76 -7.95
C THR B 27 9.77 7.98 -9.24
N GLU B 28 10.99 8.07 -9.77
CA GLU B 28 11.34 7.35 -10.98
C GLU B 28 11.46 5.86 -10.63
N ILE B 29 12.03 5.59 -9.47
CA ILE B 29 12.21 4.21 -9.01
C ILE B 29 10.93 3.60 -8.45
N HIS B 30 10.15 4.42 -7.74
CA HIS B 30 8.89 3.99 -7.15
C HIS B 30 7.73 4.58 -7.92
N PRO B 31 7.29 3.87 -8.98
CA PRO B 31 6.17 4.37 -9.78
C PRO B 31 4.88 4.63 -9.02
N GLU B 32 4.68 3.97 -7.89
CA GLU B 32 3.46 4.17 -7.11
C GLU B 32 3.38 5.58 -6.53
N MET B 33 4.47 6.32 -6.62
CA MET B 33 4.56 7.68 -6.11
C MET B 33 4.63 8.77 -7.21
N ARG B 34 4.39 8.37 -8.46
CA ARG B 34 4.47 9.28 -9.61
C ARG B 34 3.55 10.49 -9.57
N HIS B 35 2.58 10.50 -8.66
CA HIS B 35 1.66 11.63 -8.54
C HIS B 35 2.31 12.81 -7.82
N VAL B 36 3.49 12.58 -7.27
CA VAL B 36 4.21 13.62 -6.53
C VAL B 36 4.84 14.66 -7.44
N ASP B 37 4.59 15.93 -7.12
CA ASP B 37 5.18 17.04 -7.86
C ASP B 37 6.39 17.45 -7.03
N CYS B 38 7.58 17.11 -7.52
CA CYS B 38 8.79 17.41 -6.79
C CYS B 38 9.06 18.90 -6.59
N GLN B 39 8.59 19.73 -7.51
CA GLN B 39 8.81 21.15 -7.35
C GLN B 39 8.08 21.56 -6.09
N SER B 40 6.85 21.09 -5.95
CA SER B 40 6.02 21.39 -4.78
C SER B 40 6.69 20.91 -3.51
N VAL B 41 7.14 19.67 -3.53
CA VAL B 41 7.80 19.07 -2.38
C VAL B 41 8.93 19.97 -1.89
N TRP B 42 9.78 20.40 -2.81
CA TRP B 42 10.89 21.27 -2.47
C TRP B 42 10.38 22.53 -1.79
N ASP B 43 9.38 23.17 -2.37
CA ASP B 43 8.81 24.39 -1.80
C ASP B 43 8.37 24.16 -0.38
N ALA B 44 7.53 23.15 -0.17
CA ALA B 44 7.03 22.81 1.16
C ALA B 44 8.20 22.63 2.11
N PHE B 45 9.19 21.86 1.67
CA PHE B 45 10.38 21.59 2.46
C PHE B 45 11.08 22.91 2.83
N LYS B 46 11.29 23.75 1.82
CA LYS B 46 11.93 25.04 1.97
C LYS B 46 11.12 25.92 2.91
N GLY B 47 9.81 25.93 2.70
CA GLY B 47 8.94 26.74 3.52
C GLY B 47 9.00 26.40 5.00
N ALA B 48 9.43 25.20 5.33
CA ALA B 48 9.50 24.80 6.73
C ALA B 48 10.53 25.57 7.55
N PHE B 49 11.67 25.91 6.94
CA PHE B 49 12.72 26.59 7.67
C PHE B 49 13.25 27.90 7.08
N ILE B 50 13.00 28.15 5.80
CA ILE B 50 13.49 29.40 5.18
C ILE B 50 12.83 30.63 5.80
N SER B 51 13.63 31.67 6.00
CA SER B 51 13.17 32.93 6.58
C SER B 51 12.73 32.82 8.05
N LYS B 52 13.16 31.75 8.71
CA LYS B 52 12.82 31.50 10.11
C LYS B 52 14.06 31.28 10.95
N HIS B 53 14.00 31.71 12.21
CA HIS B 53 15.14 31.53 13.10
C HIS B 53 15.30 30.02 13.30
N PRO B 54 16.49 29.48 12.95
CA PRO B 54 16.82 28.05 13.06
C PRO B 54 16.84 27.43 14.45
N CYS B 55 16.20 28.08 15.42
CA CYS B 55 16.14 27.56 16.78
C CYS B 55 14.70 27.61 17.28
N ASN B 56 13.78 27.87 16.35
CA ASN B 56 12.36 27.97 16.67
C ASN B 56 11.50 27.26 15.64
N ILE B 57 12.01 26.15 15.12
CA ILE B 57 11.28 25.37 14.14
C ILE B 57 10.35 24.44 14.89
N THR B 58 9.10 24.36 14.44
CA THR B 58 8.11 23.50 15.08
C THR B 58 7.70 22.41 14.11
N GLU B 59 7.06 21.35 14.63
CA GLU B 59 6.60 20.26 13.80
C GLU B 59 5.66 20.76 12.70
N GLU B 60 4.74 21.66 13.07
CA GLU B 60 3.80 22.20 12.11
C GLU B 60 4.47 22.91 10.95
N ASP B 61 5.69 23.39 11.15
CA ASP B 61 6.40 24.06 10.08
C ASP B 61 6.60 23.03 8.96
N TYR B 62 6.67 21.76 9.34
CA TYR B 62 6.86 20.68 8.38
C TYR B 62 5.57 20.02 7.89
N GLN B 63 4.43 20.47 8.40
CA GLN B 63 3.16 19.89 7.99
C GLN B 63 3.00 19.81 6.48
N PRO B 64 3.12 20.94 5.77
CA PRO B 64 2.99 20.93 4.31
C PRO B 64 3.83 19.85 3.64
N LEU B 65 5.11 19.76 3.98
CA LEU B 65 5.97 18.73 3.39
C LEU B 65 5.41 17.35 3.73
N MET B 66 5.05 17.15 5.00
CA MET B 66 4.49 15.88 5.46
C MET B 66 3.29 15.47 4.61
N LYS B 67 2.40 16.42 4.38
CA LYS B 67 1.21 16.20 3.58
C LYS B 67 1.54 15.73 2.16
N LEU B 68 2.41 16.47 1.47
CA LEU B 68 2.78 16.11 0.11
C LEU B 68 3.53 14.78 0.07
N GLY B 69 4.26 14.49 1.15
CA GLY B 69 5.02 13.26 1.21
C GLY B 69 4.23 12.07 1.72
N THR B 70 2.92 12.25 1.93
CA THR B 70 2.07 11.16 2.40
C THR B 70 2.42 9.91 1.61
N GLN B 71 2.63 8.80 2.31
CA GLN B 71 2.99 7.56 1.64
C GLN B 71 2.58 6.33 2.45
N THR B 72 1.75 5.49 1.85
CA THR B 72 1.30 4.28 2.53
C THR B 72 2.33 3.17 2.41
N VAL B 73 2.92 2.81 3.53
CA VAL B 73 3.90 1.73 3.56
C VAL B 73 3.23 0.57 4.30
N PRO B 74 3.32 -0.66 3.76
CA PRO B 74 2.70 -1.79 4.46
C PRO B 74 3.01 -1.72 5.95
N CYS B 75 2.00 -1.39 6.75
CA CYS B 75 2.19 -1.22 8.19
C CYS B 75 2.73 -2.39 8.99
N ASN B 76 2.64 -3.61 8.46
CA ASN B 76 3.16 -4.76 9.22
C ASN B 76 4.55 -5.14 8.75
N LYS B 77 5.10 -4.35 7.84
CA LYS B 77 6.43 -4.61 7.28
C LYS B 77 7.40 -3.46 7.50
N ILE B 78 7.37 -2.87 8.69
CA ILE B 78 8.23 -1.75 9.02
C ILE B 78 9.45 -2.17 9.82
N LEU B 79 10.61 -1.65 9.43
CA LEU B 79 11.86 -1.96 10.12
C LEU B 79 12.47 -0.72 10.74
N LEU B 80 12.50 -0.68 12.07
CA LEU B 80 13.09 0.44 12.78
C LEU B 80 14.51 0.00 13.07
N TRP B 81 15.41 0.96 13.31
CA TRP B 81 16.80 0.61 13.59
C TRP B 81 17.48 1.71 14.37
N SER B 82 18.64 1.38 14.92
CA SER B 82 19.43 2.34 15.68
C SER B 82 20.92 2.02 15.68
N ARG B 83 21.70 2.98 15.20
CA ARG B 83 23.15 2.88 15.13
C ARG B 83 23.71 1.64 14.46
N ILE B 84 23.10 1.27 13.33
CA ILE B 84 23.52 0.12 12.53
C ILE B 84 22.89 0.32 11.15
N LYS B 85 23.05 1.56 10.67
CA LYS B 85 22.51 2.03 9.39
C LYS B 85 22.79 1.16 8.16
N ASP B 86 24.05 0.80 7.96
CA ASP B 86 24.43 0.00 6.78
C ASP B 86 23.69 -1.32 6.61
N LEU B 87 23.88 -2.24 7.54
CA LEU B 87 23.21 -3.54 7.46
C LEU B 87 21.69 -3.37 7.36
N ALA B 88 21.13 -2.49 8.18
CA ALA B 88 19.69 -2.25 8.19
C ALA B 88 19.17 -1.95 6.79
N HIS B 89 19.70 -0.91 6.18
CA HIS B 89 19.29 -0.52 4.85
C HIS B 89 19.61 -1.59 3.80
N GLN B 90 20.77 -2.22 3.91
CA GLN B 90 21.14 -3.28 2.98
C GLN B 90 20.09 -4.38 3.07
N PHE B 91 19.62 -4.63 4.29
CA PHE B 91 18.61 -5.65 4.53
C PHE B 91 17.35 -5.39 3.72
N THR B 92 16.82 -4.18 3.76
CA THR B 92 15.62 -3.88 2.99
C THR B 92 15.90 -3.79 1.50
N GLN B 93 17.16 -3.66 1.14
CA GLN B 93 17.55 -3.60 -0.27
C GLN B 93 17.42 -4.98 -0.88
N VAL B 94 17.52 -6.01 -0.02
CA VAL B 94 17.39 -7.40 -0.45
C VAL B 94 15.96 -7.87 -0.16
N GLN B 95 15.52 -7.72 1.09
CA GLN B 95 14.18 -8.10 1.47
C GLN B 95 13.33 -6.90 1.07
N ARG B 96 13.03 -6.81 -0.22
CA ARG B 96 12.27 -5.72 -0.83
C ARG B 96 10.85 -5.50 -0.32
N ASP B 97 10.41 -6.29 0.66
CA ASP B 97 9.06 -6.10 1.18
C ASP B 97 9.12 -5.55 2.61
N MET B 98 10.34 -5.22 3.05
CA MET B 98 10.58 -4.63 4.36
C MET B 98 10.94 -3.16 4.12
N PHE B 99 10.69 -2.29 5.11
CA PHE B 99 10.97 -0.87 4.93
C PHE B 99 11.50 -0.12 6.16
N THR B 100 12.52 0.70 5.96
CA THR B 100 13.06 1.53 7.04
C THR B 100 12.56 2.93 6.71
N LEU B 101 12.69 3.86 7.64
CA LEU B 101 12.25 5.23 7.41
C LEU B 101 12.95 5.86 6.21
N GLU B 102 14.19 5.44 5.96
CA GLU B 102 14.96 5.99 4.85
C GLU B 102 14.53 5.40 3.50
N ASP B 103 13.56 4.50 3.52
CA ASP B 103 13.09 3.90 2.27
C ASP B 103 11.84 4.65 1.80
N THR B 104 11.36 5.56 2.63
CA THR B 104 10.19 6.36 2.29
C THR B 104 10.68 7.59 1.54
N LEU B 105 9.82 8.20 0.75
CA LEU B 105 10.21 9.38 0.00
C LEU B 105 10.82 10.42 0.94
N LEU B 106 10.11 10.78 2.00
CA LEU B 106 10.59 11.77 2.93
C LEU B 106 11.93 11.45 3.58
N GLY B 107 12.06 10.26 4.14
CA GLY B 107 13.33 9.90 4.78
C GLY B 107 14.47 9.83 3.77
N TYR B 108 14.12 9.52 2.53
CA TYR B 108 15.09 9.41 1.44
C TYR B 108 15.66 10.76 0.97
N LEU B 109 14.82 11.80 1.01
CA LEU B 109 15.25 13.13 0.57
C LEU B 109 16.23 13.77 1.54
N ALA B 110 16.03 13.52 2.83
CA ALA B 110 16.86 14.12 3.87
C ALA B 110 18.02 13.30 4.40
N ASP B 111 18.07 12.01 4.08
CA ASP B 111 19.13 11.17 4.60
C ASP B 111 20.55 11.74 4.47
N ASP B 112 21.24 11.85 5.61
CA ASP B 112 22.61 12.35 5.69
C ASP B 112 22.82 13.79 5.24
N LEU B 113 21.76 14.57 5.17
CA LEU B 113 21.90 15.96 4.75
C LEU B 113 21.77 16.88 5.95
N THR B 114 22.23 18.11 5.80
CA THR B 114 22.15 19.11 6.85
C THR B 114 21.63 20.39 6.21
N TRP B 115 20.77 21.11 6.91
CA TRP B 115 20.23 22.34 6.35
C TRP B 115 19.63 23.27 7.41
N CYS B 116 19.53 24.54 7.08
CA CYS B 116 18.94 25.54 7.97
C CYS B 116 18.92 26.89 7.28
N GLY B 117 17.97 27.73 7.67
CA GLY B 117 17.87 29.05 7.09
C GLY B 117 18.26 30.15 8.07
N GLU B 118 17.55 31.26 7.98
CA GLU B 118 17.83 32.42 8.82
C GLU B 118 16.60 33.33 8.83
N PHE B 119 16.35 34.00 9.95
CA PHE B 119 15.21 34.87 10.09
C PHE B 119 15.16 36.01 9.08
N ASN B 120 13.94 36.34 8.66
CA ASN B 120 13.68 37.42 7.71
C ASN B 120 14.59 37.40 6.48
N THR B 121 15.10 36.22 6.15
CA THR B 121 15.97 36.06 5.00
C THR B 121 15.44 34.92 4.12
N SER B 122 15.65 35.04 2.83
CA SER B 122 15.21 34.01 1.90
C SER B 122 16.43 33.20 1.47
N LYS B 123 17.51 33.33 2.22
CA LYS B 123 18.74 32.64 1.92
C LYS B 123 19.07 31.46 2.83
N ILE B 124 19.76 30.47 2.27
CA ILE B 124 20.16 29.28 3.01
C ILE B 124 21.55 29.47 3.61
N ASN B 125 21.67 29.12 4.89
CA ASN B 125 22.92 29.25 5.62
C ASN B 125 23.86 28.09 5.32
N TYR B 126 24.86 28.33 4.47
CA TYR B 126 25.82 27.28 4.16
C TYR B 126 27.02 27.42 5.09
N GLN B 127 27.01 28.49 5.88
CA GLN B 127 28.08 28.77 6.84
C GLN B 127 28.08 27.82 8.01
N SER B 128 26.99 27.84 8.77
CA SER B 128 26.84 26.99 9.94
C SER B 128 25.37 26.80 10.29
N CYS B 129 25.07 25.78 11.07
CA CYS B 129 23.69 25.51 11.50
C CYS B 129 23.66 25.05 12.96
N PRO B 130 22.59 25.39 13.68
CA PRO B 130 22.44 25.02 15.10
C PRO B 130 22.85 23.60 15.43
N ASP B 131 23.44 23.43 16.62
CA ASP B 131 23.85 22.11 17.09
C ASP B 131 22.86 21.73 18.17
N TRP B 132 22.29 20.54 18.04
CA TRP B 132 21.31 20.04 18.98
C TRP B 132 21.69 20.32 20.43
N ARG B 133 22.89 19.90 20.82
CA ARG B 133 23.34 20.09 22.20
C ARG B 133 23.89 21.47 22.55
N LYS B 134 24.86 21.94 21.77
CA LYS B 134 25.50 23.22 22.02
C LYS B 134 24.68 24.47 21.71
N ASP B 135 23.79 24.41 20.72
CA ASP B 135 23.00 25.59 20.40
C ASP B 135 21.53 25.49 20.77
N CYS B 136 20.80 24.62 20.08
CA CYS B 136 19.37 24.45 20.38
C CYS B 136 18.84 23.13 19.83
N SER B 137 17.72 22.67 20.36
CA SER B 137 17.14 21.40 19.92
C SER B 137 16.09 21.57 18.82
N ASN B 138 15.44 22.73 18.78
CA ASN B 138 14.41 23.00 17.78
C ASN B 138 14.96 23.51 16.43
N ASN B 139 15.99 22.85 15.91
CA ASN B 139 16.58 23.26 14.65
C ASN B 139 15.97 22.45 13.50
N PRO B 140 15.98 23.01 12.27
CA PRO B 140 15.43 22.39 11.04
C PRO B 140 15.64 20.89 10.93
N VAL B 141 16.88 20.46 11.08
CA VAL B 141 17.20 19.04 10.98
C VAL B 141 16.56 18.23 12.10
N SER B 142 16.91 18.53 13.35
CA SER B 142 16.37 17.81 14.50
C SER B 142 14.86 17.69 14.51
N VAL B 143 14.15 18.81 14.33
CA VAL B 143 12.70 18.80 14.31
C VAL B 143 12.14 17.95 13.18
N PHE B 144 12.81 17.96 12.04
CA PHE B 144 12.36 17.17 10.90
C PHE B 144 12.31 15.70 11.29
N TRP B 145 13.48 15.15 11.61
CA TRP B 145 13.59 13.75 11.95
C TRP B 145 12.67 13.24 13.05
N LYS B 146 12.48 14.03 14.11
CA LYS B 146 11.61 13.56 15.18
C LYS B 146 10.17 13.59 14.68
N THR B 147 9.88 14.53 13.79
CA THR B 147 8.54 14.65 13.23
C THR B 147 8.23 13.46 12.34
N VAL B 148 9.11 13.19 11.37
CA VAL B 148 8.88 12.06 10.47
C VAL B 148 9.05 10.73 11.21
N SER B 149 9.99 10.65 12.13
CA SER B 149 10.19 9.41 12.89
C SER B 149 8.95 9.04 13.69
N ARG B 150 8.29 10.06 14.23
CA ARG B 150 7.08 9.87 15.01
C ARG B 150 5.94 9.34 14.14
N ARG B 151 5.76 9.98 12.99
CA ARG B 151 4.70 9.59 12.07
C ARG B 151 4.92 8.17 11.54
N PHE B 152 6.17 7.84 11.26
CA PHE B 152 6.49 6.51 10.77
C PHE B 152 6.12 5.50 11.84
N ALA B 153 6.58 5.72 13.07
CA ALA B 153 6.29 4.82 14.17
C ALA B 153 4.77 4.63 14.38
N GLU B 154 4.03 5.74 14.41
CA GLU B 154 2.59 5.71 14.60
C GLU B 154 1.85 4.92 13.51
N ALA B 155 2.49 4.71 12.37
CA ALA B 155 1.84 3.98 11.28
C ALA B 155 2.10 2.48 11.33
N ALA B 156 2.99 2.06 12.21
CA ALA B 156 3.31 0.64 12.33
C ALA B 156 2.13 -0.15 12.90
N CYS B 157 2.08 -1.44 12.58
CA CYS B 157 1.02 -2.34 13.04
C CYS B 157 1.55 -3.76 13.14
N ASP B 158 0.78 -4.61 13.81
CA ASP B 158 1.11 -6.02 14.00
C ASP B 158 2.45 -6.23 14.70
N VAL B 159 3.44 -6.74 13.95
CA VAL B 159 4.77 -7.01 14.48
C VAL B 159 5.78 -6.01 13.90
N VAL B 160 6.30 -5.15 14.77
CA VAL B 160 7.28 -4.15 14.35
C VAL B 160 8.67 -4.67 14.67
N HIS B 161 9.56 -4.61 13.69
CA HIS B 161 10.92 -5.08 13.92
C HIS B 161 11.87 -3.91 14.08
N VAL B 162 12.91 -4.10 14.89
CA VAL B 162 13.91 -3.07 15.14
C VAL B 162 15.27 -3.75 15.21
N MET B 163 16.18 -3.34 14.34
CA MET B 163 17.51 -3.94 14.30
C MET B 163 18.45 -3.17 15.23
N LEU B 164 19.26 -3.88 16.00
CA LEU B 164 20.19 -3.23 16.92
C LEU B 164 21.62 -3.73 16.75
N ASN B 165 22.57 -2.84 17.01
CA ASN B 165 23.99 -3.14 16.90
C ASN B 165 24.53 -3.65 18.24
N GLY B 166 24.86 -4.94 18.28
CA GLY B 166 25.36 -5.54 19.51
C GLY B 166 26.83 -5.36 19.83
N SER B 167 27.44 -4.31 19.29
CA SER B 167 28.85 -4.04 19.53
C SER B 167 29.01 -2.76 20.35
N ARG B 168 27.91 -2.05 20.53
CA ARG B 168 27.90 -0.78 21.24
C ARG B 168 27.86 -0.93 22.76
N SER B 169 28.40 0.07 23.45
CA SER B 169 28.44 0.06 24.91
C SER B 169 27.03 -0.13 25.47
N LYS B 170 26.05 0.36 24.73
CA LYS B 170 24.65 0.25 25.12
C LYS B 170 23.88 -0.13 23.86
N ILE B 171 23.54 -1.41 23.73
CA ILE B 171 22.79 -1.84 22.54
C ILE B 171 21.53 -0.99 22.43
N PHE B 172 20.82 -0.83 23.53
CA PHE B 172 19.65 0.02 23.52
C PHE B 172 20.02 1.28 24.26
N ASP B 173 19.89 2.42 23.59
CA ASP B 173 20.21 3.70 24.21
C ASP B 173 18.98 4.58 24.23
N LYS B 174 18.39 4.76 25.41
CA LYS B 174 17.20 5.58 25.53
C LYS B 174 17.44 6.99 24.97
N ASN B 175 18.71 7.38 24.92
CA ASN B 175 19.06 8.71 24.42
C ASN B 175 19.28 8.67 22.90
N SER B 176 18.45 7.89 22.21
CA SER B 176 18.53 7.79 20.76
C SER B 176 17.17 8.15 20.20
N THR B 177 17.08 8.28 18.88
CA THR B 177 15.80 8.63 18.26
C THR B 177 14.82 7.48 18.51
N PHE B 178 15.28 6.26 18.30
CA PHE B 178 14.44 5.10 18.51
C PHE B 178 13.96 5.08 19.96
N GLY B 179 14.92 5.21 20.87
CA GLY B 179 14.60 5.18 22.29
C GLY B 179 13.86 6.37 22.87
N SER B 180 13.96 7.53 22.25
CA SER B 180 13.29 8.71 22.79
C SER B 180 12.03 9.14 22.07
N VAL B 181 11.78 8.62 20.87
CA VAL B 181 10.58 9.00 20.15
C VAL B 181 9.84 7.85 19.48
N GLU B 182 10.57 6.97 18.82
CA GLU B 182 9.95 5.85 18.11
C GLU B 182 9.28 4.84 19.02
N VAL B 183 10.00 4.34 20.02
CA VAL B 183 9.44 3.35 20.91
C VAL B 183 8.22 3.87 21.68
N HIS B 184 8.19 5.17 21.93
CA HIS B 184 7.08 5.74 22.67
C HIS B 184 5.85 6.02 21.80
N ASN B 185 6.03 6.07 20.49
CA ASN B 185 4.90 6.35 19.63
C ASN B 185 4.28 5.17 18.89
N LEU B 186 4.76 3.96 19.16
CA LEU B 186 4.16 2.78 18.54
C LEU B 186 2.80 2.72 19.22
N GLN B 187 1.74 2.55 18.44
CA GLN B 187 0.39 2.50 19.01
C GLN B 187 0.02 1.12 19.55
N PRO B 188 -0.28 1.04 20.86
CA PRO B 188 -0.66 -0.19 21.56
C PRO B 188 -1.82 -0.93 20.90
N GLU B 189 -2.70 -0.17 20.26
CA GLU B 189 -3.83 -0.77 19.59
C GLU B 189 -3.34 -1.49 18.35
N LYS B 190 -2.76 -0.73 17.42
CA LYS B 190 -2.26 -1.26 16.17
C LYS B 190 -1.17 -2.32 16.33
N VAL B 191 -0.13 -1.98 17.09
CA VAL B 191 1.00 -2.87 17.30
C VAL B 191 0.78 -3.83 18.46
N GLN B 192 1.20 -5.08 18.28
CA GLN B 192 1.06 -6.08 19.32
C GLN B 192 2.43 -6.51 19.81
N THR B 193 3.40 -6.53 18.89
CA THR B 193 4.74 -6.95 19.24
C THR B 193 5.85 -6.12 18.60
N LEU B 194 6.92 -5.94 19.36
CA LEU B 194 8.11 -5.23 18.91
C LEU B 194 9.19 -6.29 19.00
N GLU B 195 9.71 -6.73 17.87
CA GLU B 195 10.75 -7.75 17.88
C GLU B 195 12.12 -7.13 17.57
N ALA B 196 13.02 -7.24 18.54
CA ALA B 196 14.36 -6.67 18.40
C ALA B 196 15.33 -7.70 17.82
N TRP B 197 16.27 -7.21 17.02
CA TRP B 197 17.30 -8.04 16.43
C TRP B 197 18.63 -7.47 16.86
N VAL B 198 19.39 -8.22 17.64
CA VAL B 198 20.69 -7.75 18.08
C VAL B 198 21.76 -8.35 17.17
N ILE B 199 22.52 -7.48 16.51
CA ILE B 199 23.57 -7.91 15.59
C ILE B 199 24.95 -8.02 16.23
N HIS B 200 25.62 -9.13 15.97
CA HIS B 200 26.96 -9.37 16.50
C HIS B 200 28.01 -9.16 15.42
N ARG B 207 28.34 -14.48 22.91
CA ARG B 207 27.43 -14.46 24.04
C ARG B 207 26.00 -14.13 23.58
N ASP B 208 25.02 -14.33 24.47
CA ASP B 208 23.62 -14.03 24.16
C ASP B 208 23.27 -12.64 24.69
N LEU B 209 23.25 -11.67 23.79
CA LEU B 209 22.98 -10.28 24.15
C LEU B 209 21.53 -9.89 24.37
N CYS B 210 20.60 -10.82 24.13
CA CYS B 210 19.18 -10.52 24.34
C CYS B 210 18.82 -10.38 25.82
N GLN B 211 19.77 -10.68 26.69
CA GLN B 211 19.56 -10.58 28.12
C GLN B 211 20.36 -9.41 28.69
N ASP B 212 21.14 -8.77 27.82
CA ASP B 212 21.94 -7.62 28.21
C ASP B 212 21.06 -6.55 28.86
N PRO B 213 21.58 -5.86 29.88
CA PRO B 213 20.84 -4.80 30.59
C PRO B 213 19.92 -3.94 29.71
N THR B 214 20.50 -2.96 29.01
CA THR B 214 19.71 -2.06 28.16
C THR B 214 18.52 -2.74 27.51
N ILE B 215 18.73 -3.96 27.02
CA ILE B 215 17.64 -4.70 26.39
C ILE B 215 16.50 -4.93 27.38
N LYS B 216 16.84 -5.35 28.58
CA LYS B 216 15.84 -5.61 29.62
C LYS B 216 15.12 -4.30 29.88
N GLU B 217 15.84 -3.20 29.66
CA GLU B 217 15.28 -1.87 29.85
C GLU B 217 14.31 -1.63 28.70
N LEU B 218 14.71 -2.06 27.51
CA LEU B 218 13.89 -1.92 26.30
C LEU B 218 12.61 -2.71 26.52
N GLU B 219 12.76 -3.97 26.92
CA GLU B 219 11.61 -4.82 27.15
C GLU B 219 10.71 -4.18 28.20
N SER B 220 11.33 -3.70 29.27
CA SER B 220 10.58 -3.04 30.33
C SER B 220 9.75 -1.92 29.73
N ILE B 221 10.43 -0.97 29.10
CA ILE B 221 9.78 0.18 28.48
C ILE B 221 8.62 -0.20 27.55
N ILE B 222 8.82 -1.25 26.77
CA ILE B 222 7.76 -1.69 25.86
C ILE B 222 6.57 -2.26 26.63
N SER B 223 6.83 -3.24 27.47
CA SER B 223 5.78 -3.87 28.27
C SER B 223 4.88 -2.83 28.90
N LYS B 224 5.46 -1.85 29.57
CA LYS B 224 4.70 -0.81 30.22
C LYS B 224 3.73 -0.15 29.25
N ARG B 225 4.08 -0.19 27.96
CA ARG B 225 3.22 0.40 26.94
C ARG B 225 2.19 -0.58 26.41
N ASN B 226 2.11 -1.75 27.05
CA ASN B 226 1.16 -2.80 26.68
C ASN B 226 1.41 -3.41 25.32
N ILE B 227 2.68 -3.69 25.04
CA ILE B 227 3.07 -4.30 23.78
C ILE B 227 4.02 -5.44 24.12
N GLN B 228 3.82 -6.59 23.49
CA GLN B 228 4.67 -7.73 23.75
C GLN B 228 6.05 -7.44 23.17
N PHE B 229 7.09 -7.88 23.87
CA PHE B 229 8.46 -7.68 23.39
C PHE B 229 9.07 -9.02 23.03
N SER B 230 9.92 -9.02 22.01
CA SER B 230 10.57 -10.23 21.56
C SER B 230 11.96 -9.86 21.08
N CYS B 231 12.96 -10.62 21.52
CA CYS B 231 14.33 -10.34 21.12
C CYS B 231 14.91 -11.54 20.41
N LYS B 232 16.04 -11.34 19.73
CA LYS B 232 16.66 -12.43 19.00
C LYS B 232 18.07 -12.07 18.58
N ASN B 233 19.04 -12.87 19.00
CA ASN B 233 20.45 -12.65 18.66
C ASN B 233 20.72 -13.07 17.24
N ILE B 234 21.51 -12.27 16.53
CA ILE B 234 21.90 -12.59 15.16
C ILE B 234 23.43 -12.64 15.17
N TYR B 235 23.93 -13.86 15.37
CA TYR B 235 25.37 -14.11 15.46
C TYR B 235 26.16 -13.95 14.17
N ARG B 236 25.56 -14.30 13.04
CA ARG B 236 26.26 -14.18 11.76
C ARG B 236 25.74 -13.08 10.86
N PRO B 237 26.36 -11.90 10.94
CA PRO B 237 25.96 -10.74 10.12
C PRO B 237 26.31 -11.00 8.66
N ASP B 238 27.57 -11.35 8.43
CA ASP B 238 28.08 -11.62 7.09
C ASP B 238 27.32 -12.72 6.34
N LYS B 239 26.63 -13.59 7.09
CA LYS B 239 25.87 -14.65 6.47
C LYS B 239 24.37 -14.38 6.64
N PHE B 240 24.05 -13.37 7.45
CA PHE B 240 22.67 -12.98 7.69
C PHE B 240 21.98 -12.66 6.37
N LEU B 241 22.59 -11.76 5.61
CA LEU B 241 22.06 -11.37 4.31
C LEU B 241 22.14 -12.57 3.37
N GLN B 242 23.29 -13.21 3.34
CA GLN B 242 23.52 -14.37 2.49
C GLN B 242 22.34 -15.33 2.57
N CYS B 243 22.01 -15.74 3.80
CA CYS B 243 20.90 -16.66 4.04
C CYS B 243 19.57 -16.07 3.58
N VAL B 244 19.15 -15.02 4.26
CA VAL B 244 17.88 -14.35 3.93
C VAL B 244 17.74 -14.09 2.43
N LYS B 245 18.86 -14.04 1.73
CA LYS B 245 18.87 -13.80 0.28
C LYS B 245 17.98 -14.81 -0.45
N1 EPE C . -19.18 -11.47 -13.41
C2 EPE C . -18.45 -11.71 -12.14
C3 EPE C . -19.48 -11.78 -10.99
N4 EPE C . -20.41 -12.92 -11.22
C5 EPE C . -21.14 -12.67 -12.50
C6 EPE C . -20.10 -12.64 -13.65
C7 EPE C . -21.38 -12.95 -10.09
C8 EPE C . -22.38 -14.10 -10.22
O8 EPE C . -23.33 -14.01 -9.16
C9 EPE C . -18.17 -11.42 -14.50
C10 EPE C . -18.83 -11.16 -15.87
S EPE C . -17.57 -11.11 -17.15
O1S EPE C . -16.69 -10.02 -16.98
O2S EPE C . -16.99 -12.42 -17.26
O3S EPE C . -18.30 -10.86 -18.46
N1 EPE D . 20.05 10.89 14.00
C2 EPE D . 19.64 10.60 12.59
C3 EPE D . 19.61 11.93 11.80
N4 EPE D . 20.98 12.53 11.78
C5 EPE D . 21.39 12.80 13.18
C6 EPE D . 21.43 11.47 13.96
C7 EPE D . 20.92 13.81 11.01
C8 EPE D . 22.29 14.50 10.93
O8 EPE D . 22.80 14.39 9.59
C9 EPE D . 20.07 9.61 14.73
C10 EPE D . 20.48 9.85 16.20
S EPE D . 20.50 8.29 17.12
O1S EPE D . 19.21 7.72 17.21
O2S EPE D . 21.56 7.46 16.59
O3S EPE D . 20.92 8.64 18.54
#